data_5E1T
#
_entry.id   5E1T
#
_cell.length_a   75.352
_cell.length_b   79.404
_cell.length_c   108.982
_cell.angle_alpha   90.00
_cell.angle_beta   90.00
_cell.angle_gamma   90.00
#
_symmetry.space_group_name_H-M   'P 21 21 21'
#
loop_
_entity.id
_entity.type
_entity.pdbx_description
1 polymer 'TNF receptor-associated factor 1'
2 water water
#
_entity_poly.entity_id   1
_entity_poly.type   'polypeptide(L)'
_entity_poly.pdbx_seq_one_letter_code
;HQSQLDRERILSLEQRVVELQQTLAQKDQALGKLEQSLRLMEEASFDGTFLWKITNVTRRCHESACGRTVSLFSPAFYTA
KYGYKLCLRLYLNGDGTGKRTHLSLFIVIMRGEYDALLPWPFRNKVTFMLLDQNNREHAIDAFRPDLSSASFQRPQSETN
VASGCPLFFPLSKLQSPKHAYVKDDTMFLKCIVETST
;
_entity_poly.pdbx_strand_id   A,B,C
#
# COMPACT_ATOMS: atom_id res chain seq x y z
N LEU A 5 -31.91 42.75 16.16
CA LEU A 5 -31.47 41.40 16.51
C LEU A 5 -31.06 40.61 15.25
N ASP A 6 -31.76 40.92 14.15
CA ASP A 6 -31.42 40.31 12.88
C ASP A 6 -30.00 40.68 12.45
N ARG A 7 -29.56 41.89 12.77
CA ARG A 7 -28.14 42.16 12.65
C ARG A 7 -27.29 41.11 13.39
N GLU A 8 -27.59 40.76 14.66
CA GLU A 8 -26.67 39.80 15.26
C GLU A 8 -26.77 38.49 14.51
N ARG A 9 -27.97 38.13 14.05
CA ARG A 9 -28.02 36.80 13.45
C ARG A 9 -27.31 36.73 12.10
N ILE A 10 -27.50 37.73 11.23
CA ILE A 10 -26.80 37.74 9.95
C ILE A 10 -25.30 37.80 10.14
N LEU A 11 -24.83 38.49 11.17
CA LEU A 11 -23.39 38.46 11.37
C LEU A 11 -22.96 37.12 11.98
N SER A 12 -23.80 36.48 12.81
CA SER A 12 -23.40 35.18 13.36
C SER A 12 -23.33 34.11 12.27
N LEU A 13 -24.17 34.25 11.24
CA LEU A 13 -24.05 33.36 10.09
C LEU A 13 -22.87 33.75 9.21
N GLU A 14 -22.57 35.04 9.09
CA GLU A 14 -21.38 35.39 8.32
C GLU A 14 -20.14 34.74 8.92
N GLN A 15 -20.01 34.79 10.25
CA GLN A 15 -18.86 34.13 10.89
C GLN A 15 -18.93 32.62 10.75
N ARG A 16 -20.14 32.03 10.80
CA ARG A 16 -20.17 30.55 10.68
C ARG A 16 -19.96 30.07 9.25
N VAL A 17 -20.35 30.85 8.26
CA VAL A 17 -20.12 30.45 6.88
C VAL A 17 -18.66 30.59 6.52
N VAL A 18 -18.00 31.64 6.99
CA VAL A 18 -16.55 31.67 6.75
C VAL A 18 -15.89 30.53 7.51
N GLU A 19 -16.38 30.21 8.73
CA GLU A 19 -15.81 29.09 9.49
C GLU A 19 -15.91 27.78 8.72
N LEU A 20 -17.11 27.46 8.20
CA LEU A 20 -17.28 26.21 7.48
C LEU A 20 -16.50 26.17 6.18
N GLN A 21 -16.34 27.32 5.49
CA GLN A 21 -15.54 27.32 4.26
C GLN A 21 -14.07 27.02 4.56
N GLN A 22 -13.57 27.45 5.71
CA GLN A 22 -12.18 27.11 5.99
C GLN A 22 -12.03 25.64 6.43
N THR A 23 -12.96 25.13 7.25
CA THR A 23 -12.86 23.71 7.60
C THR A 23 -13.06 22.81 6.37
N LEU A 24 -13.97 23.20 5.47
CA LEU A 24 -14.13 22.47 4.22
C LEU A 24 -12.86 22.53 3.40
N ALA A 25 -12.17 23.68 3.45
CA ALA A 25 -10.87 23.79 2.80
C ALA A 25 -9.87 22.79 3.37
N GLN A 26 -9.90 22.56 4.70
CA GLN A 26 -8.84 21.69 5.24
C GLN A 26 -9.22 20.23 5.18
N LYS A 27 -10.51 19.92 4.97
CA LYS A 27 -10.81 18.55 4.59
C LYS A 27 -10.46 18.30 3.14
N ASP A 28 -10.50 19.34 2.30
CA ASP A 28 -10.12 19.11 0.92
C ASP A 28 -8.60 18.95 0.82
N GLN A 29 -7.86 19.80 1.51
CA GLN A 29 -6.42 19.63 1.65
C GLN A 29 -6.09 18.21 2.14
N ALA A 30 -6.66 17.84 3.29
CA ALA A 30 -6.33 16.57 3.92
C ALA A 30 -6.62 15.40 3.00
N LEU A 31 -7.75 15.43 2.31
CA LEU A 31 -8.05 14.37 1.34
C LEU A 31 -7.05 14.37 0.19
N GLY A 32 -6.62 15.55 -0.25
CA GLY A 32 -5.65 15.61 -1.34
C GLY A 32 -4.30 15.02 -1.01
N LYS A 33 -3.86 15.15 0.25
CA LYS A 33 -2.56 14.60 0.65
C LYS A 33 -2.69 13.18 1.19
N LEU A 34 -3.89 12.77 1.60
CA LEU A 34 -4.16 11.36 1.74
C LEU A 34 -3.99 10.66 0.39
N GLU A 35 -4.53 11.29 -0.65
CA GLU A 35 -4.37 10.87 -2.03
C GLU A 35 -2.89 10.76 -2.41
N GLN A 36 -2.14 11.86 -2.19
CA GLN A 36 -0.71 11.83 -2.49
C GLN A 36 0.01 10.74 -1.70
N SER A 37 -0.34 10.58 -0.42
CA SER A 37 0.29 9.54 0.39
C SER A 37 0.06 8.17 -0.22
N LEU A 38 -1.17 7.89 -0.66
CA LEU A 38 -1.44 6.59 -1.25
C LEU A 38 -0.56 6.37 -2.48
N ARG A 39 -0.40 7.40 -3.33
CA ARG A 39 0.50 7.23 -4.47
C ARG A 39 1.93 6.94 -4.02
N LEU A 40 2.40 7.61 -2.97
CA LEU A 40 3.77 7.33 -2.54
C LEU A 40 3.89 5.94 -1.95
N MET A 41 2.79 5.39 -1.41
CA MET A 41 2.79 3.98 -1.03
C MET A 41 2.92 3.07 -2.25
N GLU A 42 2.27 3.44 -3.36
CA GLU A 42 2.34 2.64 -4.59
C GLU A 42 3.77 2.60 -5.10
N GLU A 43 4.41 3.76 -5.19
CA GLU A 43 5.73 3.80 -5.80
C GLU A 43 6.84 3.33 -4.86
N ALA A 44 6.55 3.04 -3.60
CA ALA A 44 7.59 2.64 -2.69
C ALA A 44 8.18 1.28 -3.08
N SER A 45 9.48 1.16 -2.91
CA SER A 45 10.22 -0.06 -3.15
C SER A 45 10.83 -0.59 -1.86
N PHE A 46 11.08 -1.90 -1.80
CA PHE A 46 11.61 -2.49 -0.58
C PHE A 46 12.82 -3.38 -0.83
N ASP A 47 13.48 -3.23 -1.97
CA ASP A 47 14.62 -4.08 -2.28
C ASP A 47 15.92 -3.29 -2.35
N GLY A 48 15.86 -1.98 -2.20
CA GLY A 48 17.02 -1.17 -2.43
C GLY A 48 17.31 -0.80 -3.87
N THR A 49 16.45 -1.17 -4.82
CA THR A 49 16.50 -0.60 -6.18
C THR A 49 15.17 0.10 -6.44
N PHE A 50 15.24 1.27 -7.03
CA PHE A 50 14.08 2.10 -7.25
C PHE A 50 14.10 2.58 -8.69
N LEU A 51 12.93 2.61 -9.33
CA LEU A 51 12.84 3.06 -10.71
C LEU A 51 11.87 4.23 -10.81
N TRP A 52 12.36 5.34 -11.33
CA TRP A 52 11.75 6.65 -11.24
C TRP A 52 11.32 7.06 -12.64
N LYS A 53 10.02 7.08 -12.87
CA LYS A 53 9.51 7.50 -14.17
C LYS A 53 9.19 8.98 -14.09
N ILE A 54 9.88 9.76 -14.89
CA ILE A 54 9.68 11.20 -14.93
C ILE A 54 9.07 11.53 -16.29
N THR A 55 7.82 11.98 -16.25
CA THR A 55 7.07 12.38 -17.44
C THR A 55 7.17 13.88 -17.66
N ASN A 56 6.74 14.31 -18.85
CA ASN A 56 6.72 15.71 -19.23
C ASN A 56 8.12 16.32 -19.10
N VAL A 57 9.08 15.69 -19.80
CA VAL A 57 10.47 16.02 -19.54
C VAL A 57 10.81 17.40 -20.07
N THR A 58 10.31 17.74 -21.27
CA THR A 58 10.65 19.05 -21.83
C THR A 58 10.03 20.17 -21.01
N ARG A 59 8.74 20.02 -20.67
CA ARG A 59 8.13 20.95 -19.75
C ARG A 59 9.00 21.10 -18.52
N ARG A 60 9.07 20.06 -17.69
CA ARG A 60 9.76 20.22 -16.41
C ARG A 60 11.21 20.66 -16.53
N CYS A 61 11.84 20.48 -17.70
CA CYS A 61 13.18 21.00 -17.90
C CYS A 61 13.19 22.51 -18.06
N HIS A 62 12.31 23.04 -18.92
CA HIS A 62 12.27 24.49 -19.00
C HIS A 62 11.52 25.05 -17.80
N GLU A 63 10.74 24.21 -17.08
CA GLU A 63 10.29 24.65 -15.75
C GLU A 63 11.48 25.02 -14.86
N SER A 64 12.32 24.04 -14.49
CA SER A 64 13.49 24.38 -13.67
C SER A 64 14.43 25.38 -14.34
N ALA A 65 14.29 25.66 -15.65
CA ALA A 65 15.05 26.72 -16.32
C ALA A 65 14.50 28.13 -16.06
N CYS A 66 13.38 28.22 -15.38
CA CYS A 66 12.89 29.41 -14.69
C CYS A 66 13.35 29.32 -13.23
N GLY A 67 12.99 30.29 -12.40
CA GLY A 67 13.24 30.11 -10.98
C GLY A 67 12.28 29.12 -10.34
N ARG A 68 11.64 28.29 -11.16
CA ARG A 68 10.42 27.60 -10.79
C ARG A 68 10.68 26.10 -10.68
N THR A 69 10.24 25.52 -9.55
CA THR A 69 10.29 24.09 -9.22
C THR A 69 11.63 23.47 -9.62
N VAL A 70 12.68 23.93 -8.94
CA VAL A 70 14.04 23.65 -9.37
C VAL A 70 14.41 22.18 -9.17
N SER A 71 13.86 21.53 -8.15
CA SER A 71 14.28 20.18 -7.79
C SER A 71 13.07 19.30 -7.51
N LEU A 72 13.19 18.02 -7.87
CA LEU A 72 12.14 17.03 -7.65
C LEU A 72 12.56 16.02 -6.60
N PHE A 73 11.60 15.59 -5.76
CA PHE A 73 11.85 14.52 -4.81
C PHE A 73 11.11 13.26 -5.22
N SER A 74 11.84 12.15 -5.26
CA SER A 74 11.20 10.89 -5.58
C SER A 74 10.37 10.42 -4.39
N PRO A 75 9.43 9.52 -4.63
CA PRO A 75 8.82 8.82 -3.50
C PRO A 75 9.91 8.11 -2.71
N ALA A 76 9.64 7.93 -1.42
CA ALA A 76 10.58 7.20 -0.60
C ALA A 76 10.60 5.74 -1.02
N PHE A 77 11.78 5.15 -0.95
CA PHE A 77 11.95 3.72 -1.16
C PHE A 77 12.92 3.21 -0.10
N TYR A 78 13.06 1.88 -0.02
CA TYR A 78 13.69 1.27 1.16
C TYR A 78 14.63 0.15 0.74
N THR A 79 15.71 -0.04 1.52
CA THR A 79 16.58 -1.20 1.33
C THR A 79 15.90 -2.48 1.76
N ALA A 80 15.01 -2.41 2.75
CA ALA A 80 14.16 -3.54 3.12
C ALA A 80 13.02 -3.01 3.97
N LYS A 81 11.99 -3.87 4.12
CA LYS A 81 10.80 -3.48 4.87
C LYS A 81 11.16 -2.82 6.19
N TYR A 82 12.18 -3.33 6.87
CA TYR A 82 12.64 -2.74 8.11
C TYR A 82 14.05 -2.14 8.00
N GLY A 83 14.45 -1.71 6.80
CA GLY A 83 15.76 -1.12 6.57
C GLY A 83 15.73 0.38 6.37
N TYR A 84 16.74 0.88 5.66
CA TYR A 84 16.91 2.32 5.50
C TYR A 84 15.81 2.91 4.64
N LYS A 85 15.41 4.13 4.99
CA LYS A 85 14.44 4.88 4.21
C LYS A 85 15.21 5.88 3.36
N LEU A 86 14.94 5.86 2.06
CA LEU A 86 15.66 6.67 1.09
C LEU A 86 14.69 7.42 0.19
N CYS A 87 15.17 8.52 -0.40
CA CYS A 87 14.52 9.07 -1.59
C CYS A 87 15.58 9.72 -2.47
N LEU A 88 15.18 10.14 -3.67
CA LEU A 88 16.11 10.80 -4.58
C LEU A 88 15.69 12.24 -4.81
N ARG A 89 16.68 13.10 -5.07
CA ARG A 89 16.43 14.50 -5.39
C ARG A 89 17.08 14.83 -6.73
N LEU A 90 16.28 15.33 -7.66
CA LEU A 90 16.74 15.55 -9.02
C LEU A 90 16.63 17.01 -9.38
N TYR A 91 17.73 17.59 -9.82
CA TYR A 91 17.74 18.92 -10.39
C TYR A 91 17.76 18.78 -11.89
N LEU A 92 16.61 19.07 -12.51
CA LEU A 92 16.49 18.96 -13.95
C LEU A 92 17.33 20.00 -14.68
N ASN A 93 17.63 21.13 -14.03
CA ASN A 93 18.48 22.15 -14.62
C ASN A 93 19.77 22.33 -13.82
N GLY A 94 20.09 21.39 -12.95
CA GLY A 94 21.40 21.37 -12.34
C GLY A 94 21.45 22.06 -10.99
N ASP A 95 22.54 21.79 -10.27
CA ASP A 95 22.78 22.36 -8.96
C ASP A 95 24.28 22.29 -8.73
N GLY A 96 24.80 23.24 -7.96
CA GLY A 96 26.22 23.22 -7.67
C GLY A 96 27.07 23.28 -8.94
N THR A 97 28.12 22.46 -8.96
CA THR A 97 29.05 22.48 -10.10
C THR A 97 28.41 22.08 -11.40
N GLY A 98 27.21 21.49 -11.39
CA GLY A 98 26.55 21.30 -12.66
C GLY A 98 25.34 22.19 -12.89
N LYS A 99 25.26 23.35 -12.26
CA LYS A 99 24.09 24.20 -12.47
C LYS A 99 24.05 24.68 -13.91
N ARG A 100 22.95 24.40 -14.60
CA ARG A 100 22.68 24.80 -15.98
C ARG A 100 23.46 23.99 -17.02
N THR A 101 24.18 22.96 -16.61
CA THR A 101 24.89 22.11 -17.58
C THR A 101 24.60 20.62 -17.40
N HIS A 102 24.18 20.16 -16.24
CA HIS A 102 23.91 18.75 -16.09
C HIS A 102 22.59 18.56 -15.34
N LEU A 103 21.99 17.38 -15.52
CA LEU A 103 21.07 16.89 -14.51
C LEU A 103 21.89 16.55 -13.30
N SER A 104 21.44 17.00 -12.13
CA SER A 104 22.15 16.66 -10.91
C SER A 104 21.29 15.74 -10.06
N LEU A 105 21.85 14.61 -9.66
CA LEU A 105 21.04 13.56 -9.06
C LEU A 105 21.67 13.17 -7.73
N PHE A 106 20.88 13.27 -6.66
CA PHE A 106 21.37 12.97 -5.33
C PHE A 106 20.45 11.97 -4.65
N ILE A 107 21.01 11.29 -3.66
CA ILE A 107 20.26 10.42 -2.77
C ILE A 107 20.08 11.16 -1.46
N VAL A 108 18.98 10.88 -0.76
CA VAL A 108 18.69 11.44 0.56
C VAL A 108 18.41 10.30 1.52
N ILE A 109 19.27 10.16 2.54
CA ILE A 109 18.94 9.30 3.67
C ILE A 109 17.85 9.97 4.47
N MET A 110 16.73 9.30 4.64
CA MET A 110 15.62 9.83 5.41
C MET A 110 15.56 9.11 6.74
N ARG A 111 14.76 9.66 7.67
CA ARG A 111 14.68 9.03 8.97
C ARG A 111 13.59 7.97 8.94
N GLY A 112 13.99 6.73 9.17
CA GLY A 112 13.12 5.59 9.12
C GLY A 112 12.62 5.21 10.49
N GLU A 113 11.48 4.51 10.50
CA GLU A 113 10.88 4.06 11.75
C GLU A 113 11.72 3.01 12.47
N TYR A 114 12.74 2.44 11.83
CA TYR A 114 13.57 1.43 12.47
C TYR A 114 15.04 1.80 12.48
N ASP A 115 15.35 3.10 12.35
CA ASP A 115 16.75 3.52 12.32
C ASP A 115 17.49 3.07 13.57
N ALA A 116 16.76 2.90 14.67
CA ALA A 116 17.38 2.50 15.93
C ALA A 116 18.07 1.16 15.81
N LEU A 117 17.66 0.30 14.86
CA LEU A 117 18.18 -1.05 14.74
C LEU A 117 19.17 -1.23 13.59
N LEU A 118 19.60 -0.16 12.91
CA LEU A 118 20.47 -0.36 11.75
C LEU A 118 21.86 0.19 11.97
N PRO A 119 22.85 -0.34 11.26
CA PRO A 119 24.21 0.19 11.37
C PRO A 119 24.29 1.65 10.89
N TRP A 120 25.01 2.48 11.65
CA TRP A 120 25.37 3.84 11.20
C TRP A 120 26.88 4.12 11.35
N PRO A 121 27.46 4.79 10.36
CA PRO A 121 26.76 5.34 9.20
C PRO A 121 26.25 4.32 8.16
N PHE A 122 25.19 4.69 7.43
CA PHE A 122 24.71 4.00 6.24
C PHE A 122 25.84 3.79 5.24
N ARG A 123 26.18 2.53 4.86
CA ARG A 123 27.35 2.41 3.96
C ARG A 123 27.17 1.79 2.57
N ASN A 124 26.01 1.29 2.22
CA ASN A 124 25.79 0.60 0.95
C ASN A 124 26.28 1.40 -0.26
N LYS A 125 26.76 0.69 -1.28
CA LYS A 125 27.15 1.32 -2.53
C LYS A 125 25.89 1.75 -3.29
N VAL A 126 25.97 2.91 -3.93
CA VAL A 126 24.79 3.53 -4.54
C VAL A 126 25.07 3.62 -6.03
N THR A 127 24.13 3.16 -6.84
CA THR A 127 24.30 3.21 -8.29
C THR A 127 23.14 3.97 -8.93
N PHE A 128 23.47 4.88 -9.83
CA PHE A 128 22.51 5.67 -10.59
C PHE A 128 22.60 5.30 -12.05
N MET A 129 21.45 5.16 -12.71
CA MET A 129 21.40 4.87 -14.14
C MET A 129 20.38 5.78 -14.80
N LEU A 130 20.81 6.46 -15.86
CA LEU A 130 19.88 7.06 -16.79
C LEU A 130 19.68 6.05 -17.91
N LEU A 131 18.45 5.52 -18.00
CA LEU A 131 18.16 4.40 -18.87
C LEU A 131 17.80 4.89 -20.26
N ASP A 132 18.50 4.33 -21.24
CA ASP A 132 18.18 4.45 -22.65
C ASP A 132 17.11 3.41 -23.01
N GLN A 133 16.01 3.87 -23.58
CA GLN A 133 14.85 2.99 -23.77
C GLN A 133 14.94 2.15 -25.05
N ASN A 134 15.81 2.54 -25.98
CA ASN A 134 15.98 1.86 -27.26
C ASN A 134 17.39 1.29 -27.38
N ASN A 135 17.69 0.23 -26.62
CA ASN A 135 18.77 -0.70 -26.97
C ASN A 135 20.17 -0.07 -27.00
N ARG A 136 20.48 0.90 -26.12
CA ARG A 136 21.79 1.56 -26.16
C ARG A 136 22.37 1.70 -24.76
N GLU A 137 23.66 2.06 -24.69
CA GLU A 137 24.33 2.22 -23.41
C GLU A 137 23.58 3.20 -22.52
N HIS A 138 23.23 2.75 -21.33
CA HIS A 138 22.72 3.67 -20.34
C HIS A 138 23.87 4.46 -19.72
N ALA A 139 23.56 5.66 -19.25
CA ALA A 139 24.57 6.45 -18.56
C ALA A 139 24.58 6.04 -17.09
N ILE A 140 25.70 5.54 -16.59
CA ILE A 140 25.74 4.95 -15.25
C ILE A 140 26.82 5.62 -14.43
N ASP A 141 26.52 5.85 -13.15
CA ASP A 141 27.49 6.36 -12.19
C ASP A 141 27.23 5.61 -10.89
N ALA A 142 28.20 5.67 -9.98
CA ALA A 142 28.04 4.99 -8.71
C ALA A 142 29.04 5.54 -7.73
N PHE A 143 28.80 5.29 -6.45
CA PHE A 143 29.76 5.75 -5.47
C PHE A 143 29.55 4.99 -4.17
N ARG A 144 30.64 4.91 -3.40
CA ARG A 144 30.41 4.50 -2.05
C ARG A 144 30.52 5.71 -1.18
N PRO A 145 29.44 5.97 -0.48
CA PRO A 145 29.28 7.23 0.24
C PRO A 145 30.35 7.34 1.33
N ASP A 146 30.84 8.55 1.63
CA ASP A 146 32.02 8.66 2.51
C ASP A 146 31.64 8.82 3.99
N LEU A 147 32.35 8.11 4.89
CA LEU A 147 31.82 7.90 6.25
C LEU A 147 31.90 9.14 7.08
N SER A 148 32.86 9.98 6.75
CA SER A 148 33.09 11.21 7.45
C SER A 148 32.02 12.25 7.19
N SER A 149 31.00 11.96 6.37
CA SER A 149 30.04 12.98 5.97
C SER A 149 28.70 12.77 6.67
N ALA A 150 28.08 13.89 7.06
CA ALA A 150 26.80 13.93 7.79
C ALA A 150 25.61 13.54 6.94
N SER A 151 25.80 13.30 5.65
CA SER A 151 24.74 12.74 4.82
C SER A 151 24.44 11.31 5.20
N PHE A 152 25.34 10.67 5.94
CA PHE A 152 25.19 9.25 6.22
C PHE A 152 25.23 8.93 7.70
N GLN A 153 25.27 9.94 8.57
CA GLN A 153 25.09 9.62 9.99
C GLN A 153 23.61 9.36 10.22
N ARG A 154 23.28 8.93 11.42
CA ARG A 154 21.91 8.55 11.66
C ARG A 154 21.08 9.83 11.67
N PRO A 155 19.96 9.88 10.97
CA PRO A 155 19.22 11.14 10.82
C PRO A 155 18.80 11.68 12.16
N GLN A 156 18.87 13.00 12.31
CA GLN A 156 18.34 13.66 13.50
C GLN A 156 17.14 14.54 13.20
N SER A 157 16.83 14.74 11.92
CA SER A 157 15.62 15.43 11.51
C SER A 157 14.93 14.50 10.52
N GLU A 158 14.04 15.04 9.71
CA GLU A 158 13.32 14.14 8.85
C GLU A 158 14.22 13.68 7.71
N THR A 159 15.26 14.45 7.38
CA THR A 159 16.25 14.08 6.36
C THR A 159 17.65 14.67 6.61
N ASN A 160 18.67 13.87 6.29
CA ASN A 160 20.03 14.38 6.19
C ASN A 160 20.19 15.21 4.90
N VAL A 161 21.36 15.81 4.74
CA VAL A 161 21.59 16.55 3.50
C VAL A 161 21.97 15.56 2.41
N ALA A 162 21.55 15.88 1.19
CA ALA A 162 21.65 14.96 0.07
C ALA A 162 23.11 14.76 -0.30
N SER A 163 23.39 13.66 -0.98
CA SER A 163 24.75 13.44 -1.46
C SER A 163 24.66 12.65 -2.76
N GLY A 164 25.62 12.87 -3.65
CA GLY A 164 25.54 12.17 -4.92
C GLY A 164 26.36 12.66 -6.08
N CYS A 165 25.69 12.93 -7.19
CA CYS A 165 26.33 13.25 -8.46
C CYS A 165 25.82 14.58 -9.01
N PRO A 166 26.48 15.70 -8.72
CA PRO A 166 26.06 16.96 -9.33
C PRO A 166 26.39 17.04 -10.80
N LEU A 167 27.27 16.18 -11.30
CA LEU A 167 27.61 16.20 -12.71
C LEU A 167 27.25 14.84 -13.31
N PHE A 168 26.02 14.38 -13.06
CA PHE A 168 25.67 13.01 -13.35
C PHE A 168 25.54 12.77 -14.85
N PHE A 169 25.00 13.73 -15.57
CA PHE A 169 24.77 13.58 -17.00
C PHE A 169 24.55 14.94 -17.65
N PRO A 170 25.18 15.24 -18.79
CA PRO A 170 25.12 16.61 -19.29
C PRO A 170 23.87 16.86 -20.11
N LEU A 171 23.31 18.07 -19.94
CA LEU A 171 21.98 18.34 -20.47
C LEU A 171 21.96 18.33 -22.00
N SER A 172 23.05 18.75 -22.63
CA SER A 172 23.10 18.76 -24.08
C SER A 172 22.80 17.37 -24.69
N LYS A 173 23.32 16.29 -24.08
CA LYS A 173 23.10 14.97 -24.67
C LYS A 173 21.75 14.36 -24.26
N LEU A 174 21.00 15.04 -23.39
CA LEU A 174 19.84 14.40 -22.80
C LEU A 174 18.81 13.98 -23.85
N GLN A 175 18.54 14.84 -24.82
CA GLN A 175 17.59 14.56 -25.90
C GLN A 175 18.34 14.37 -27.21
N SER A 176 19.46 13.67 -27.10
CA SER A 176 20.26 13.38 -28.26
C SER A 176 19.56 12.38 -29.16
N PRO A 177 19.34 12.74 -30.41
CA PRO A 177 19.12 11.74 -31.47
C PRO A 177 19.76 10.36 -31.22
N LYS A 178 21.09 10.30 -30.99
CA LYS A 178 21.80 9.03 -30.88
C LYS A 178 21.37 8.20 -29.68
N HIS A 179 20.65 8.78 -28.74
CA HIS A 179 20.20 8.03 -27.57
C HIS A 179 18.69 8.15 -27.41
N ALA A 180 18.17 7.31 -26.52
CA ALA A 180 16.77 7.30 -26.11
C ALA A 180 16.65 7.45 -24.61
N TYR A 181 17.28 8.50 -24.10
CA TYR A 181 17.17 8.86 -22.70
C TYR A 181 15.84 9.54 -22.39
N VAL A 182 15.31 10.26 -23.38
CA VAL A 182 13.94 10.72 -23.38
C VAL A 182 13.27 10.09 -24.58
N LYS A 183 12.12 9.48 -24.36
CA LYS A 183 11.30 8.97 -25.45
C LYS A 183 9.85 9.20 -25.05
N ASP A 184 9.04 9.64 -26.01
CA ASP A 184 7.74 10.24 -25.74
C ASP A 184 7.77 11.10 -24.47
N ASP A 185 8.71 12.05 -24.44
CA ASP A 185 8.76 13.05 -23.38
C ASP A 185 8.82 12.39 -21.99
N THR A 186 9.50 11.25 -21.88
CA THR A 186 9.62 10.51 -20.63
C THR A 186 11.03 9.96 -20.44
N MET A 187 11.53 10.02 -19.21
CA MET A 187 12.84 9.46 -18.87
C MET A 187 12.74 8.56 -17.64
N PHE A 188 13.60 7.55 -17.60
CA PHE A 188 13.62 6.63 -16.47
C PHE A 188 14.97 6.67 -15.77
N LEU A 189 14.94 6.95 -14.47
CA LEU A 189 16.13 6.93 -13.64
C LEU A 189 16.06 5.73 -12.71
N LYS A 190 17.17 5.01 -12.58
CA LYS A 190 17.22 3.80 -11.80
C LYS A 190 18.29 3.96 -10.74
N CYS A 191 17.95 3.61 -9.51
CA CYS A 191 18.90 3.67 -8.41
C CYS A 191 18.98 2.27 -7.82
N ILE A 192 20.18 1.74 -7.70
CA ILE A 192 20.38 0.44 -7.08
C ILE A 192 21.28 0.67 -5.90
N VAL A 193 20.74 0.52 -4.70
CA VAL A 193 21.49 0.58 -3.46
C VAL A 193 21.84 -0.85 -3.09
N GLU A 194 23.13 -1.16 -3.06
CA GLU A 194 23.55 -2.53 -2.83
C GLU A 194 23.23 -2.95 -1.40
N THR A 195 22.60 -4.11 -1.25
CA THR A 195 22.18 -4.60 0.07
C THR A 195 23.25 -5.57 0.59
N SER A 196 23.96 -5.15 1.66
CA SER A 196 25.14 -5.82 2.24
C SER A 196 25.80 -6.86 1.35
N GLN B 2 -43.58 40.08 4.80
CA GLN B 2 -42.22 40.20 4.29
C GLN B 2 -41.18 40.04 5.40
N SER B 3 -41.45 40.66 6.55
CA SER B 3 -40.54 40.57 7.68
C SER B 3 -40.35 39.13 8.15
N GLN B 4 -41.46 38.48 8.55
CA GLN B 4 -41.39 37.15 9.18
C GLN B 4 -40.91 36.10 8.20
N LEU B 5 -41.12 36.31 6.91
CA LEU B 5 -40.61 35.37 5.91
C LEU B 5 -39.10 35.49 5.73
N ASP B 6 -38.57 36.72 5.74
CA ASP B 6 -37.11 36.90 5.80
C ASP B 6 -36.53 36.30 7.06
N ARG B 7 -37.30 36.34 8.16
CA ARG B 7 -36.88 35.65 9.38
C ARG B 7 -36.83 34.13 9.19
N GLU B 8 -37.90 33.54 8.65
CA GLU B 8 -37.89 32.09 8.39
C GLU B 8 -36.70 31.70 7.50
N ARG B 9 -36.32 32.57 6.56
CA ARG B 9 -35.20 32.26 5.68
C ARG B 9 -33.88 32.29 6.44
N ILE B 10 -33.67 33.31 7.30
CA ILE B 10 -32.45 33.34 8.12
C ILE B 10 -32.39 32.11 9.02
N LEU B 11 -33.55 31.65 9.51
CA LEU B 11 -33.56 30.52 10.44
C LEU B 11 -33.27 29.20 9.73
N SER B 12 -33.79 29.02 8.50
CA SER B 12 -33.39 27.82 7.75
C SER B 12 -31.93 27.91 7.30
N LEU B 13 -31.35 29.11 7.21
CA LEU B 13 -29.92 29.16 7.00
C LEU B 13 -29.17 28.70 8.24
N GLU B 14 -29.66 29.05 9.43
CA GLU B 14 -29.02 28.58 10.66
C GLU B 14 -29.08 27.06 10.76
N GLN B 15 -30.22 26.48 10.39
CA GLN B 15 -30.34 25.02 10.45
C GLN B 15 -29.46 24.34 9.40
N ARG B 16 -29.34 24.96 8.21
CA ARG B 16 -28.52 24.35 7.17
C ARG B 16 -27.02 24.46 7.48
N VAL B 17 -26.61 25.51 8.21
CA VAL B 17 -25.24 25.59 8.72
C VAL B 17 -24.94 24.56 9.80
N VAL B 18 -25.89 24.31 10.71
CA VAL B 18 -25.67 23.26 11.71
C VAL B 18 -25.55 21.90 11.04
N GLU B 19 -26.45 21.65 10.07
CA GLU B 19 -26.45 20.38 9.35
C GLU B 19 -25.14 20.18 8.61
N LEU B 20 -24.64 21.23 7.94
CA LEU B 20 -23.35 21.11 7.26
C LEU B 20 -22.24 20.84 8.26
N GLN B 21 -22.37 21.35 9.49
CA GLN B 21 -21.33 21.07 10.47
C GLN B 21 -21.26 19.58 10.82
N GLN B 22 -22.42 18.91 10.88
CA GLN B 22 -22.43 17.48 11.21
C GLN B 22 -22.06 16.56 10.04
N THR B 23 -22.52 16.91 8.84
CA THR B 23 -22.05 16.15 7.70
C THR B 23 -20.53 16.29 7.57
N LEU B 24 -20.02 17.48 7.84
CA LEU B 24 -18.59 17.68 7.76
C LEU B 24 -17.85 16.81 8.79
N ALA B 25 -18.43 16.68 9.99
CA ALA B 25 -17.82 15.81 11.00
C ALA B 25 -17.73 14.34 10.55
N GLN B 26 -18.79 13.79 9.91
CA GLN B 26 -18.64 12.36 9.61
C GLN B 26 -17.95 12.11 8.26
N LYS B 27 -17.79 13.12 7.42
CA LYS B 27 -16.79 12.96 6.38
C LYS B 27 -15.39 13.01 6.96
N ASP B 28 -15.20 13.68 8.09
CA ASP B 28 -13.84 13.71 8.61
C ASP B 28 -13.47 12.38 9.25
N GLN B 29 -14.38 11.71 9.97
CA GLN B 29 -13.86 10.41 10.45
C GLN B 29 -13.94 9.31 9.39
N ALA B 30 -14.88 9.38 8.44
CA ALA B 30 -14.74 8.51 7.28
C ALA B 30 -13.34 8.65 6.70
N LEU B 31 -12.87 9.89 6.57
CA LEU B 31 -11.51 10.14 6.15
C LEU B 31 -10.52 9.54 7.12
N GLY B 32 -10.87 9.52 8.40
CA GLY B 32 -9.99 9.02 9.43
C GLY B 32 -9.67 7.55 9.29
N LYS B 33 -10.70 6.72 9.21
CA LYS B 33 -10.40 5.29 9.15
C LYS B 33 -10.05 4.84 7.76
N LEU B 34 -10.29 5.66 6.74
CA LEU B 34 -9.54 5.47 5.50
C LEU B 34 -8.05 5.67 5.76
N GLU B 35 -7.70 6.71 6.51
CA GLU B 35 -6.30 6.89 6.90
C GLU B 35 -5.79 5.64 7.63
N GLN B 36 -6.56 5.07 8.55
CA GLN B 36 -6.00 3.93 9.28
C GLN B 36 -5.88 2.71 8.37
N SER B 37 -6.87 2.49 7.52
CA SER B 37 -6.77 1.46 6.50
C SER B 37 -5.41 1.57 5.78
N LEU B 38 -5.06 2.79 5.38
CA LEU B 38 -3.79 3.00 4.68
C LEU B 38 -2.60 2.65 5.59
N ARG B 39 -2.67 3.07 6.87
CA ARG B 39 -1.55 2.79 7.77
C ARG B 39 -1.35 1.28 7.95
N LEU B 40 -2.44 0.51 8.12
CA LEU B 40 -2.27 -0.91 8.32
C LEU B 40 -1.79 -1.59 7.06
N MET B 41 -2.11 -1.04 5.90
CA MET B 41 -1.46 -1.52 4.69
C MET B 41 0.05 -1.32 4.76
N GLU B 42 0.52 -0.16 5.28
CA GLU B 42 1.96 0.08 5.33
C GLU B 42 2.66 -0.81 6.36
N GLU B 43 2.07 -0.98 7.53
CA GLU B 43 2.78 -1.71 8.57
C GLU B 43 2.84 -3.20 8.32
N ALA B 44 2.06 -3.70 7.36
CA ALA B 44 1.84 -5.13 7.18
C ALA B 44 2.98 -5.79 6.42
N SER B 45 3.33 -7.00 6.84
CA SER B 45 4.34 -7.82 6.19
C SER B 45 3.67 -9.06 5.62
N PHE B 46 4.34 -9.66 4.62
CA PHE B 46 3.71 -10.79 3.92
C PHE B 46 4.64 -11.98 3.82
N ASP B 47 5.69 -12.02 4.62
CA ASP B 47 6.60 -13.15 4.64
C ASP B 47 6.49 -13.92 5.96
N GLY B 48 5.57 -13.53 6.85
CA GLY B 48 5.53 -14.16 8.15
C GLY B 48 6.53 -13.65 9.17
N THR B 49 7.28 -12.59 8.88
CA THR B 49 8.07 -11.90 9.89
C THR B 49 7.50 -10.49 10.05
N PHE B 50 7.24 -10.13 11.28
CA PHE B 50 6.65 -8.84 11.58
C PHE B 50 7.47 -8.24 12.70
N LEU B 51 7.71 -6.93 12.61
CA LEU B 51 8.53 -6.24 13.59
C LEU B 51 7.68 -5.12 14.17
N TRP B 52 7.54 -5.11 15.50
CA TRP B 52 6.60 -4.27 16.24
C TRP B 52 7.39 -3.26 17.08
N LYS B 53 7.33 -1.99 16.67
CA LYS B 53 7.99 -0.89 17.37
C LYS B 53 7.03 -0.26 18.35
N ILE B 54 7.35 -0.33 19.63
CA ILE B 54 6.49 0.18 20.69
C ILE B 54 7.18 1.39 21.30
N THR B 55 6.60 2.56 21.08
CA THR B 55 7.11 3.81 21.61
C THR B 55 6.41 4.18 22.92
N ASN B 56 6.98 5.15 23.62
CA ASN B 56 6.43 5.66 24.89
C ASN B 56 6.26 4.51 25.90
N VAL B 57 7.37 3.85 26.18
CA VAL B 57 7.29 2.53 26.80
C VAL B 57 6.87 2.62 28.26
N THR B 58 7.55 3.43 29.06
CA THR B 58 7.23 3.41 30.48
C THR B 58 5.85 4.02 30.75
N ARG B 59 5.47 5.04 29.99
CA ARG B 59 4.10 5.57 30.10
C ARG B 59 3.06 4.45 30.04
N ARG B 60 3.09 3.64 28.99
CA ARG B 60 2.08 2.59 28.91
C ARG B 60 2.35 1.43 29.86
N CYS B 61 3.57 1.31 30.41
CA CYS B 61 3.77 0.32 31.46
C CYS B 61 3.11 0.75 32.77
N HIS B 62 3.27 2.02 33.13
CA HIS B 62 2.56 2.59 34.27
C HIS B 62 1.07 2.40 34.09
N GLU B 63 0.56 2.73 32.90
CA GLU B 63 -0.87 2.62 32.68
C GLU B 63 -1.33 1.17 32.69
N SER B 64 -0.48 0.25 32.26
CA SER B 64 -0.79 -1.17 32.46
C SER B 64 -0.89 -1.50 33.95
N ALA B 65 0.06 -0.99 34.74
CA ALA B 65 0.00 -1.21 36.18
C ALA B 65 -1.20 -0.51 36.81
N CYS B 66 -1.33 0.80 36.58
CA CYS B 66 -2.45 1.58 37.11
C CYS B 66 -3.16 2.38 36.02
N VAL B 70 -4.23 -1.26 28.81
CA VAL B 70 -4.39 -2.57 29.44
C VAL B 70 -3.83 -3.71 28.57
N SER B 71 -4.19 -3.69 27.28
CA SER B 71 -3.75 -4.66 26.30
C SER B 71 -3.59 -3.93 24.97
N LEU B 72 -2.54 -4.25 24.21
CA LEU B 72 -2.31 -3.64 22.91
C LEU B 72 -2.31 -4.67 21.78
N PHE B 73 -2.88 -4.27 20.65
CA PHE B 73 -2.92 -5.12 19.47
C PHE B 73 -1.97 -4.58 18.41
N SER B 74 -1.22 -5.48 17.79
CA SER B 74 -0.33 -5.07 16.72
C SER B 74 -1.10 -4.77 15.45
N PRO B 75 -0.51 -4.01 14.53
CA PRO B 75 -1.00 -4.00 13.14
C PRO B 75 -1.03 -5.43 12.61
N ALA B 76 -1.95 -5.68 11.69
CA ALA B 76 -2.08 -7.00 11.09
C ALA B 76 -0.90 -7.32 10.17
N PHE B 77 -0.51 -8.60 10.16
CA PHE B 77 0.47 -9.12 9.20
C PHE B 77 0.02 -10.50 8.71
N TYR B 78 0.79 -11.08 7.78
CA TYR B 78 0.34 -12.24 7.01
C TYR B 78 1.47 -13.26 6.85
N THR B 79 1.10 -14.56 6.85
CA THR B 79 2.08 -15.61 6.58
C THR B 79 2.48 -15.63 5.11
N ALA B 80 1.57 -15.21 4.25
CA ALA B 80 1.83 -15.00 2.85
C ALA B 80 0.71 -14.10 2.34
N LYS B 81 0.92 -13.53 1.15
CA LYS B 81 -0.10 -12.65 0.57
C LYS B 81 -1.47 -13.30 0.63
N TYR B 82 -1.54 -14.59 0.34
CA TYR B 82 -2.78 -15.33 0.46
C TYR B 82 -2.78 -16.37 1.58
N GLY B 83 -2.02 -16.12 2.65
CA GLY B 83 -1.93 -17.02 3.80
C GLY B 83 -2.79 -16.54 4.96
N TYR B 84 -2.39 -16.92 6.18
CA TYR B 84 -3.12 -16.56 7.40
C TYR B 84 -2.94 -15.08 7.74
N LYS B 85 -4.00 -14.48 8.32
CA LYS B 85 -3.96 -13.10 8.82
C LYS B 85 -3.80 -13.13 10.33
N LEU B 86 -2.78 -12.45 10.83
CA LEU B 86 -2.43 -12.49 12.25
C LEU B 86 -2.25 -11.07 12.77
N CYS B 87 -2.36 -10.95 14.09
CA CYS B 87 -1.80 -9.77 14.76
C CYS B 87 -1.29 -10.23 16.12
N LEU B 88 -0.66 -9.31 16.84
CA LEU B 88 -0.13 -9.63 18.17
C LEU B 88 -0.91 -8.89 19.25
N ARG B 89 -0.96 -9.50 20.44
CA ARG B 89 -1.62 -8.89 21.58
C ARG B 89 -0.64 -8.86 22.75
N LEU B 90 -0.38 -7.66 23.26
CA LEU B 90 0.67 -7.48 24.27
C LEU B 90 0.10 -6.89 25.56
N TYR B 91 0.31 -7.61 26.67
CA TYR B 91 -0.03 -7.15 28.03
C TYR B 91 1.28 -6.70 28.69
N LEU B 92 1.41 -5.38 28.84
CA LEU B 92 2.66 -4.82 29.35
C LEU B 92 2.90 -5.16 30.81
N ASN B 93 1.84 -5.44 31.59
CA ASN B 93 2.06 -5.94 32.94
C ASN B 93 1.52 -7.36 33.11
N GLY B 94 1.21 -8.04 32.01
CA GLY B 94 0.99 -9.46 32.03
C GLY B 94 -0.48 -9.85 32.09
N ASP B 95 -0.72 -11.14 31.85
CA ASP B 95 -2.01 -11.79 31.78
C ASP B 95 -1.83 -13.27 32.08
N GLY B 96 -2.89 -13.89 32.62
CA GLY B 96 -2.87 -15.32 32.96
C GLY B 96 -1.88 -15.64 34.06
N THR B 97 -1.07 -16.69 33.84
CA THR B 97 -0.10 -17.11 34.86
C THR B 97 0.94 -16.03 35.15
N GLY B 98 1.10 -15.07 34.23
CA GLY B 98 1.96 -13.92 34.38
C GLY B 98 1.22 -12.64 34.61
N LYS B 99 0.19 -12.67 35.46
CA LYS B 99 -0.69 -11.52 35.63
C LYS B 99 0.07 -10.25 36.02
N ARG B 100 1.17 -10.36 36.75
CA ARG B 100 1.90 -9.15 37.10
C ARG B 100 3.40 -9.36 37.12
N THR B 101 3.86 -10.50 36.66
CA THR B 101 5.28 -10.81 36.64
C THR B 101 5.94 -10.28 35.37
N HIS B 102 5.32 -10.53 34.23
CA HIS B 102 5.98 -10.54 32.94
C HIS B 102 5.21 -9.70 31.93
N LEU B 103 5.92 -9.36 30.84
CA LEU B 103 5.26 -9.05 29.58
C LEU B 103 4.63 -10.33 29.05
N SER B 104 3.36 -10.24 28.65
CA SER B 104 2.68 -11.42 28.13
C SER B 104 2.36 -11.15 26.67
N LEU B 105 2.79 -12.04 25.78
CA LEU B 105 2.82 -11.79 24.34
C LEU B 105 2.13 -12.93 23.60
N PHE B 106 1.10 -12.60 22.83
CA PHE B 106 0.31 -13.63 22.19
C PHE B 106 0.10 -13.34 20.73
N ILE B 107 -0.21 -14.38 20.01
CA ILE B 107 -0.63 -14.29 18.63
C ILE B 107 -2.15 -14.34 18.62
N VAL B 108 -2.74 -13.62 17.67
CA VAL B 108 -4.18 -13.61 17.47
C VAL B 108 -4.39 -13.98 16.00
N ILE B 109 -4.99 -15.15 15.77
CA ILE B 109 -5.48 -15.48 14.43
C ILE B 109 -6.68 -14.61 14.14
N MET B 110 -6.60 -13.84 13.05
CA MET B 110 -7.68 -13.01 12.55
C MET B 110 -8.30 -13.71 11.35
N ARG B 111 -9.52 -13.30 10.97
CA ARG B 111 -10.16 -13.98 9.85
C ARG B 111 -9.74 -13.28 8.57
N GLY B 112 -9.14 -14.04 7.68
CA GLY B 112 -8.62 -13.53 6.43
C GLY B 112 -9.64 -13.75 5.33
N GLU B 113 -9.54 -12.92 4.29
CA GLU B 113 -10.45 -13.01 3.16
C GLU B 113 -10.29 -14.30 2.39
N TYR B 114 -9.28 -15.12 2.71
CA TYR B 114 -9.09 -16.40 2.03
C TYR B 114 -9.03 -17.61 2.96
N ASP B 115 -9.68 -17.54 4.13
CA ASP B 115 -9.57 -18.64 5.09
C ASP B 115 -10.09 -19.96 4.52
N ALA B 116 -10.99 -19.90 3.55
CA ALA B 116 -11.57 -21.11 2.96
C ALA B 116 -10.52 -22.04 2.35
N LEU B 117 -9.36 -21.51 1.96
CA LEU B 117 -8.35 -22.30 1.25
C LEU B 117 -7.15 -22.66 2.10
N LEU B 118 -7.19 -22.42 3.39
CA LEU B 118 -6.04 -22.77 4.17
C LEU B 118 -6.32 -23.90 5.15
N PRO B 119 -5.30 -24.66 5.52
CA PRO B 119 -5.50 -25.73 6.50
C PRO B 119 -6.02 -25.14 7.81
N TRP B 120 -6.95 -25.86 8.41
CA TRP B 120 -7.31 -25.58 9.79
C TRP B 120 -7.21 -26.87 10.55
N PRO B 121 -6.64 -26.81 11.75
CA PRO B 121 -6.12 -25.71 12.57
C PRO B 121 -4.88 -24.97 12.08
N PHE B 122 -4.71 -23.75 12.56
CA PHE B 122 -3.43 -23.06 12.41
C PHE B 122 -2.40 -23.82 13.25
N ARG B 123 -1.41 -24.41 12.57
CA ARG B 123 -0.40 -25.22 13.21
C ARG B 123 0.97 -24.56 13.26
N ASN B 124 1.14 -23.40 12.61
CA ASN B 124 2.48 -22.88 12.38
C ASN B 124 3.17 -22.54 13.70
N LYS B 125 4.45 -22.86 13.77
CA LYS B 125 5.22 -22.53 14.96
C LYS B 125 5.67 -21.07 14.95
N VAL B 126 5.57 -20.44 16.11
CA VAL B 126 5.68 -19.00 16.26
C VAL B 126 6.88 -18.73 17.14
N THR B 127 7.72 -17.81 16.71
CA THR B 127 8.88 -17.39 17.50
C THR B 127 8.75 -15.91 17.84
N PHE B 128 8.93 -15.60 19.12
CA PHE B 128 8.86 -14.24 19.64
C PHE B 128 10.23 -13.81 20.14
N MET B 129 10.57 -12.55 19.85
CA MET B 129 11.83 -11.96 20.25
C MET B 129 11.60 -10.58 20.83
N LEU B 130 12.21 -10.33 21.99
CA LEU B 130 12.41 -9.00 22.52
C LEU B 130 13.81 -8.59 22.14
N LEU B 131 13.94 -7.52 21.37
CA LEU B 131 15.21 -7.15 20.74
C LEU B 131 16.09 -6.32 21.67
N ASP B 132 17.30 -6.79 21.86
CA ASP B 132 18.36 -6.04 22.52
C ASP B 132 19.02 -5.11 21.52
N GLN B 133 18.95 -3.81 21.78
CA GLN B 133 19.33 -2.81 20.79
C GLN B 133 20.81 -2.44 20.81
N ASN B 134 21.56 -2.76 21.84
CA ASN B 134 22.98 -2.40 21.93
C ASN B 134 23.90 -3.60 21.84
N ASN B 135 23.60 -4.65 22.57
CA ASN B 135 24.13 -5.97 22.35
C ASN B 135 23.22 -6.68 21.35
N ARG B 136 23.51 -7.94 21.05
CA ARG B 136 22.71 -8.71 20.12
C ARG B 136 22.03 -9.90 20.79
N GLU B 137 21.94 -9.93 22.12
CA GLU B 137 21.34 -11.04 22.84
C GLU B 137 19.85 -10.77 23.03
N HIS B 138 19.02 -11.20 22.08
CA HIS B 138 17.60 -10.97 22.24
C HIS B 138 16.95 -12.07 23.08
N ALA B 139 15.88 -11.69 23.79
CA ALA B 139 15.09 -12.62 24.60
C ALA B 139 14.09 -13.34 23.71
N ILE B 140 14.15 -14.67 23.65
CA ILE B 140 13.41 -15.42 22.64
C ILE B 140 12.56 -16.50 23.31
N ASP B 141 11.36 -16.70 22.77
CA ASP B 141 10.41 -17.72 23.22
C ASP B 141 9.75 -18.28 21.97
N ALA B 142 9.12 -19.44 22.07
CA ALA B 142 8.50 -20.01 20.88
C ALA B 142 7.47 -21.08 21.26
N PHE B 143 6.59 -21.41 20.32
CA PHE B 143 5.63 -22.45 20.63
C PHE B 143 4.96 -22.95 19.36
N ARG B 144 4.36 -24.14 19.47
CA ARG B 144 3.43 -24.66 18.49
C ARG B 144 2.03 -24.65 19.08
N PRO B 145 1.02 -24.25 18.31
CA PRO B 145 -0.30 -24.00 18.89
C PRO B 145 -0.88 -25.27 19.50
N ASP B 146 -1.55 -25.09 20.63
CA ASP B 146 -2.37 -26.16 21.17
C ASP B 146 -3.46 -26.49 20.16
N LEU B 147 -3.39 -27.69 19.60
CA LEU B 147 -4.18 -28.00 18.41
C LEU B 147 -5.68 -27.83 18.64
N SER B 148 -6.32 -27.17 17.67
CA SER B 148 -7.75 -27.03 17.45
C SER B 148 -8.43 -26.11 18.45
N SER B 149 -7.68 -25.49 19.38
CA SER B 149 -8.26 -24.51 20.29
C SER B 149 -9.04 -23.46 19.53
N ALA B 150 -10.06 -22.90 20.18
CA ALA B 150 -10.90 -21.87 19.55
C ALA B 150 -10.10 -20.61 19.28
N SER B 151 -8.82 -20.62 19.67
CA SER B 151 -7.87 -19.65 19.16
C SER B 151 -7.37 -19.99 17.75
N PHE B 152 -7.42 -21.26 17.33
CA PHE B 152 -6.75 -21.66 16.10
C PHE B 152 -7.59 -22.34 15.01
N GLN B 153 -8.90 -22.49 15.17
CA GLN B 153 -9.63 -22.88 13.96
C GLN B 153 -10.12 -21.59 13.28
N ARG B 154 -10.80 -21.76 12.16
CA ARG B 154 -11.10 -20.65 11.28
C ARG B 154 -12.08 -19.66 11.92
N PRO B 155 -11.78 -18.36 11.89
CA PRO B 155 -12.60 -17.37 12.60
C PRO B 155 -13.95 -17.08 11.92
N GLN B 156 -15.01 -17.02 12.76
CA GLN B 156 -16.39 -16.55 12.53
C GLN B 156 -16.77 -15.32 13.33
N SER B 157 -15.75 -14.73 13.94
CA SER B 157 -15.54 -13.40 14.50
C SER B 157 -14.34 -12.88 13.72
N GLU B 158 -14.04 -11.57 13.81
CA GLU B 158 -12.92 -11.04 13.03
C GLU B 158 -11.57 -11.30 13.70
N THR B 159 -11.59 -11.71 14.97
CA THR B 159 -10.41 -12.20 15.67
C THR B 159 -10.81 -13.42 16.50
N ASN B 160 -9.96 -14.43 16.52
CA ASN B 160 -10.04 -15.44 17.56
C ASN B 160 -9.44 -14.88 18.85
N VAL B 161 -9.56 -15.63 19.91
CA VAL B 161 -8.98 -15.24 21.18
C VAL B 161 -7.50 -15.62 21.18
N ALA B 162 -6.68 -14.82 21.85
CA ALA B 162 -5.23 -14.97 21.72
C ALA B 162 -4.71 -16.22 22.45
N SER B 163 -3.54 -16.67 22.00
CA SER B 163 -2.83 -17.82 22.58
C SER B 163 -1.33 -17.58 22.39
N GLY B 164 -0.53 -18.08 23.32
CA GLY B 164 0.90 -17.85 23.19
C GLY B 164 1.75 -17.99 24.44
N CYS B 165 2.50 -16.95 24.81
CA CYS B 165 3.49 -17.00 25.87
C CYS B 165 3.15 -16.00 26.95
N PRO B 166 2.38 -16.39 27.96
CA PRO B 166 2.06 -15.48 29.07
C PRO B 166 3.21 -15.20 30.02
N LEU B 167 4.28 -15.98 29.97
CA LEU B 167 5.54 -15.63 30.61
C LEU B 167 6.68 -15.62 29.61
N PHE B 168 6.51 -14.71 28.64
CA PHE B 168 7.45 -14.47 27.56
C PHE B 168 8.69 -13.73 28.07
N PHE B 169 8.51 -12.80 29.01
CA PHE B 169 9.65 -12.06 29.54
C PHE B 169 9.29 -11.35 30.85
N PRO B 170 10.08 -11.52 31.92
CA PRO B 170 9.68 -10.91 33.20
C PRO B 170 10.13 -9.46 33.30
N LEU B 171 9.26 -8.66 33.93
CA LEU B 171 9.40 -7.21 33.95
C LEU B 171 10.66 -6.79 34.70
N SER B 172 11.03 -7.58 35.73
CA SER B 172 12.24 -7.32 36.52
C SER B 172 13.47 -7.15 35.64
N LYS B 173 13.70 -8.11 34.73
CA LYS B 173 14.83 -8.10 33.82
C LYS B 173 14.70 -7.07 32.71
N LEU B 174 13.70 -6.20 32.76
CA LEU B 174 13.39 -5.43 31.57
C LEU B 174 14.43 -4.33 31.32
N GLN B 175 14.91 -3.64 32.35
CA GLN B 175 15.92 -2.58 32.19
C GLN B 175 17.24 -2.91 32.92
N SER B 176 17.74 -4.13 32.84
CA SER B 176 19.04 -4.49 33.41
C SER B 176 20.13 -3.91 32.54
N PRO B 177 21.15 -3.33 33.15
CA PRO B 177 22.23 -2.71 32.35
C PRO B 177 22.84 -3.64 31.31
N LYS B 178 22.70 -4.97 31.54
CA LYS B 178 23.29 -5.98 30.69
C LYS B 178 22.66 -6.03 29.31
N HIS B 179 21.45 -5.49 29.14
CA HIS B 179 20.80 -5.44 27.83
C HIS B 179 20.22 -4.05 27.57
N ALA B 180 19.77 -3.83 26.32
CA ALA B 180 19.07 -2.62 25.94
C ALA B 180 17.72 -2.99 25.31
N TYR B 181 16.88 -3.67 26.10
CA TYR B 181 15.55 -4.04 25.61
C TYR B 181 14.67 -2.83 25.43
N VAL B 182 14.92 -1.78 26.22
CA VAL B 182 14.34 -0.47 26.00
C VAL B 182 15.47 0.52 25.76
N LYS B 183 15.32 1.31 24.70
CA LYS B 183 16.15 2.46 24.35
C LYS B 183 15.31 3.62 23.87
N ASP B 184 15.73 4.84 24.25
CA ASP B 184 14.93 6.01 23.96
C ASP B 184 13.46 5.65 24.10
N ASP B 185 13.14 5.08 25.26
CA ASP B 185 11.75 4.79 25.61
C ASP B 185 11.05 3.97 24.50
N THR B 186 11.79 3.13 23.78
CA THR B 186 11.22 2.36 22.68
C THR B 186 11.69 0.92 22.78
N MET B 187 10.78 0.00 22.49
CA MET B 187 11.07 -1.43 22.52
C MET B 187 10.68 -2.06 21.19
N PHE B 188 11.46 -3.02 20.73
CA PHE B 188 11.20 -3.68 19.46
C PHE B 188 10.95 -5.16 19.70
N LEU B 189 9.78 -5.63 19.29
CA LEU B 189 9.39 -7.04 19.37
C LEU B 189 9.35 -7.61 17.97
N LYS B 190 9.85 -8.83 17.79
CA LYS B 190 9.90 -9.43 16.48
C LYS B 190 9.22 -10.79 16.52
N CYS B 191 8.32 -11.03 15.57
CA CYS B 191 7.59 -12.29 15.49
C CYS B 191 7.90 -12.96 14.15
N ILE B 192 8.29 -14.22 14.21
CA ILE B 192 8.63 -14.99 13.02
C ILE B 192 7.74 -16.23 13.01
N VAL B 193 6.84 -16.30 12.02
CA VAL B 193 6.01 -17.47 11.78
C VAL B 193 6.66 -18.27 10.66
N GLU B 194 6.74 -19.59 10.83
CA GLU B 194 7.30 -20.39 9.74
C GLU B 194 6.22 -20.79 8.75
N THR B 195 6.59 -20.77 7.47
CA THR B 195 5.66 -20.66 6.36
C THR B 195 5.37 -22.00 5.68
N ARG C 7 -30.94 41.81 3.40
CA ARG C 7 -31.67 40.73 2.74
C ARG C 7 -30.84 40.21 1.57
N GLU C 8 -30.17 41.13 0.89
CA GLU C 8 -29.23 40.73 -0.16
C GLU C 8 -28.09 39.90 0.42
N ARG C 9 -27.64 40.24 1.63
CA ARG C 9 -26.66 39.41 2.31
C ARG C 9 -27.26 38.06 2.70
N ILE C 10 -28.56 38.01 3.01
CA ILE C 10 -29.23 36.71 3.21
C ILE C 10 -29.03 35.85 1.99
N LEU C 11 -29.38 36.39 0.81
CA LEU C 11 -29.27 35.58 -0.39
C LEU C 11 -27.82 35.21 -0.67
N SER C 12 -26.86 36.14 -0.48
CA SER C 12 -25.46 35.79 -0.72
C SER C 12 -24.99 34.69 0.25
N LEU C 13 -25.56 34.64 1.45
CA LEU C 13 -25.29 33.55 2.37
C LEU C 13 -25.95 32.25 1.93
N GLU C 14 -27.16 32.32 1.36
CA GLU C 14 -27.79 31.12 0.80
C GLU C 14 -26.96 30.55 -0.34
N GLN C 15 -26.43 31.41 -1.19
CA GLN C 15 -25.52 30.97 -2.23
C GLN C 15 -24.30 30.28 -1.64
N ARG C 16 -23.67 30.93 -0.65
CA ARG C 16 -22.47 30.31 -0.09
C ARG C 16 -22.79 29.01 0.64
N VAL C 17 -23.99 28.90 1.21
CA VAL C 17 -24.39 27.67 1.89
C VAL C 17 -24.58 26.53 0.89
N VAL C 18 -25.30 26.78 -0.20
CA VAL C 18 -25.49 25.74 -1.22
C VAL C 18 -24.16 25.37 -1.86
N GLU C 19 -23.32 26.35 -2.16
CA GLU C 19 -21.97 26.07 -2.61
C GLU C 19 -21.30 25.07 -1.67
N LEU C 20 -21.41 25.31 -0.35
CA LEU C 20 -20.81 24.41 0.62
C LEU C 20 -21.40 23.00 0.53
N GLN C 21 -22.73 22.91 0.36
CA GLN C 21 -23.39 21.59 0.29
C GLN C 21 -22.88 20.79 -0.91
N GLN C 22 -22.95 21.38 -2.11
CA GLN C 22 -22.57 20.64 -3.31
C GLN C 22 -21.08 20.30 -3.30
N THR C 23 -20.23 21.25 -2.88
CA THR C 23 -18.81 20.94 -2.76
C THR C 23 -18.59 19.80 -1.76
N LEU C 24 -19.41 19.72 -0.71
CA LEU C 24 -19.36 18.61 0.22
C LEU C 24 -19.63 17.29 -0.47
N ALA C 25 -20.74 17.21 -1.22
CA ALA C 25 -21.06 15.99 -1.95
C ALA C 25 -19.92 15.58 -2.89
N GLN C 26 -19.35 16.57 -3.60
CA GLN C 26 -18.14 16.31 -4.38
C GLN C 26 -17.06 15.67 -3.54
N LYS C 27 -16.87 16.17 -2.30
CA LYS C 27 -15.90 15.56 -1.39
C LYS C 27 -16.28 14.12 -1.04
N ASP C 28 -17.57 13.80 -1.01
CA ASP C 28 -17.94 12.40 -0.82
C ASP C 28 -17.46 11.53 -1.99
N GLN C 29 -17.74 11.96 -3.24
CA GLN C 29 -17.38 11.10 -4.37
C GLN C 29 -15.86 10.99 -4.51
N ALA C 30 -15.14 12.04 -4.13
CA ALA C 30 -13.68 11.93 -4.01
C ALA C 30 -13.29 10.87 -2.99
N LEU C 31 -13.93 10.88 -1.82
CA LEU C 31 -13.69 9.83 -0.82
C LEU C 31 -13.87 8.45 -1.42
N GLY C 32 -14.97 8.24 -2.17
CA GLY C 32 -15.23 6.92 -2.72
C GLY C 32 -14.15 6.47 -3.69
N LYS C 33 -13.76 7.35 -4.62
CA LYS C 33 -12.73 6.97 -5.59
C LYS C 33 -11.40 6.66 -4.90
N LEU C 34 -11.02 7.43 -3.87
CA LEU C 34 -9.76 7.17 -3.16
C LEU C 34 -9.83 5.89 -2.34
N GLU C 35 -10.98 5.62 -1.73
CA GLU C 35 -11.24 4.36 -1.06
C GLU C 35 -11.00 3.18 -1.99
N GLN C 36 -11.59 3.23 -3.19
CA GLN C 36 -11.38 2.13 -4.11
C GLN C 36 -9.94 2.05 -4.57
N SER C 37 -9.27 3.18 -4.78
CA SER C 37 -7.84 3.12 -5.06
C SER C 37 -7.11 2.31 -4.00
N LEU C 38 -7.42 2.58 -2.73
CA LEU C 38 -6.75 1.84 -1.67
C LEU C 38 -7.03 0.34 -1.80
N ARG C 39 -8.29 -0.02 -2.06
CA ARG C 39 -8.61 -1.45 -2.13
C ARG C 39 -7.93 -2.13 -3.32
N LEU C 40 -7.90 -1.48 -4.48
CA LEU C 40 -7.12 -1.97 -5.61
C LEU C 40 -5.66 -2.17 -5.24
N MET C 41 -5.15 -1.34 -4.35
CA MET C 41 -3.78 -1.53 -3.89
C MET C 41 -3.62 -2.78 -3.04
N GLU C 42 -4.52 -2.95 -2.06
CA GLU C 42 -4.49 -4.16 -1.24
C GLU C 42 -4.58 -5.40 -2.12
N GLU C 43 -5.46 -5.36 -3.13
CA GLU C 43 -5.68 -6.54 -3.97
C GLU C 43 -4.44 -6.93 -4.75
N ALA C 44 -3.61 -5.96 -5.10
CA ALA C 44 -2.50 -6.21 -6.02
C ALA C 44 -1.47 -7.18 -5.45
N SER C 45 -0.88 -7.98 -6.34
CA SER C 45 0.26 -8.83 -6.07
C SER C 45 1.38 -8.55 -7.07
N PHE C 46 2.59 -8.97 -6.75
CA PHE C 46 3.75 -8.57 -7.55
C PHE C 46 4.70 -9.72 -7.85
N ASP C 47 4.28 -10.98 -7.64
CA ASP C 47 5.06 -12.14 -8.07
C ASP C 47 4.38 -12.89 -9.20
N GLY C 48 3.49 -12.22 -9.95
CA GLY C 48 2.83 -12.86 -11.05
C GLY C 48 1.83 -13.93 -10.68
N THR C 49 1.49 -14.08 -9.41
CA THR C 49 0.42 -14.96 -8.96
C THR C 49 -0.67 -14.12 -8.28
N PHE C 50 -1.92 -14.31 -8.72
CA PHE C 50 -3.04 -13.49 -8.25
C PHE C 50 -4.20 -14.39 -7.85
N LEU C 51 -4.90 -14.01 -6.78
CA LEU C 51 -6.06 -14.76 -6.30
C LEU C 51 -7.27 -13.85 -6.24
N TRP C 52 -8.32 -14.23 -6.96
CA TRP C 52 -9.53 -13.46 -7.15
C TRP C 52 -10.67 -14.17 -6.43
N LYS C 53 -11.13 -13.56 -5.33
CA LYS C 53 -12.28 -14.04 -4.60
C LYS C 53 -13.51 -13.30 -5.11
N ILE C 54 -14.45 -14.04 -5.69
CA ILE C 54 -15.71 -13.47 -6.10
C ILE C 54 -16.75 -13.93 -5.11
N THR C 55 -17.50 -12.98 -4.57
CA THR C 55 -18.53 -13.27 -3.61
C THR C 55 -19.89 -12.97 -4.22
N ASN C 56 -20.92 -13.54 -3.60
CA ASN C 56 -22.30 -13.38 -4.05
C ASN C 56 -22.48 -13.96 -5.46
N VAL C 57 -22.19 -15.25 -5.59
CA VAL C 57 -22.04 -15.85 -6.92
C VAL C 57 -23.40 -16.06 -7.59
N THR C 58 -24.36 -16.68 -6.89
CA THR C 58 -25.65 -16.94 -7.50
C THR C 58 -26.30 -15.64 -7.96
N ARG C 59 -26.18 -14.60 -7.14
CA ARG C 59 -26.71 -13.29 -7.49
C ARG C 59 -26.13 -12.81 -8.82
N ARG C 60 -24.80 -12.82 -8.94
CA ARG C 60 -24.16 -12.28 -10.13
C ARG C 60 -24.23 -13.22 -11.35
N CYS C 61 -24.58 -14.49 -11.16
CA CYS C 61 -24.97 -15.31 -12.30
C CYS C 61 -26.34 -14.88 -12.83
N HIS C 62 -27.32 -14.74 -11.93
CA HIS C 62 -28.65 -14.29 -12.37
C HIS C 62 -28.59 -12.94 -13.08
N GLU C 63 -27.68 -12.04 -12.65
CA GLU C 63 -27.50 -10.76 -13.36
C GLU C 63 -26.53 -10.85 -14.53
N SER C 64 -25.75 -11.92 -14.64
CA SER C 64 -25.03 -12.20 -15.87
C SER C 64 -25.99 -12.56 -16.99
N ALA C 65 -27.02 -13.36 -16.69
CA ALA C 65 -28.03 -13.68 -17.70
C ALA C 65 -29.00 -12.52 -17.93
N CYS C 66 -29.06 -11.56 -17.02
CA CYS C 66 -29.98 -10.42 -17.08
C CYS C 66 -29.79 -9.51 -18.29
N VAL C 70 -22.31 -8.61 -20.03
CA VAL C 70 -21.58 -8.00 -18.92
C VAL C 70 -20.48 -8.94 -18.42
N SER C 71 -19.42 -8.39 -17.82
CA SER C 71 -18.31 -9.19 -17.33
C SER C 71 -17.61 -8.45 -16.19
N LEU C 72 -16.89 -9.22 -15.37
CA LEU C 72 -16.12 -8.66 -14.27
C LEU C 72 -14.65 -8.56 -14.63
N PHE C 73 -14.02 -7.47 -14.21
CA PHE C 73 -12.57 -7.34 -14.27
C PHE C 73 -12.02 -7.45 -12.85
N SER C 74 -11.00 -8.29 -12.69
CA SER C 74 -10.33 -8.38 -11.41
C SER C 74 -9.53 -7.11 -11.18
N PRO C 75 -9.03 -6.92 -9.96
CA PRO C 75 -8.02 -5.89 -9.75
C PRO C 75 -6.78 -6.19 -10.58
N ALA C 76 -5.95 -5.18 -10.74
CA ALA C 76 -4.70 -5.37 -11.45
C ALA C 76 -3.70 -6.11 -10.58
N PHE C 77 -2.88 -6.94 -11.23
CA PHE C 77 -1.70 -7.50 -10.60
C PHE C 77 -0.55 -7.38 -11.60
N TYR C 78 0.66 -7.66 -11.12
CA TYR C 78 1.86 -7.38 -11.89
C TYR C 78 2.78 -8.58 -11.87
N THR C 79 3.56 -8.75 -12.95
CA THR C 79 4.54 -9.81 -12.93
C THR C 79 5.70 -9.46 -12.02
N ALA C 80 5.96 -8.17 -11.85
CA ALA C 80 6.97 -7.71 -10.91
C ALA C 80 6.64 -6.26 -10.61
N LYS C 81 7.37 -5.67 -9.66
CA LYS C 81 7.14 -4.25 -9.35
C LYS C 81 7.15 -3.43 -10.63
N TYR C 82 8.14 -3.66 -11.47
CA TYR C 82 8.31 -2.89 -12.70
C TYR C 82 8.11 -3.79 -13.93
N GLY C 83 7.20 -4.74 -13.83
CA GLY C 83 6.88 -5.61 -14.94
C GLY C 83 5.52 -5.36 -15.56
N TYR C 84 4.92 -6.40 -16.11
CA TYR C 84 3.69 -6.22 -16.86
C TYR C 84 2.54 -5.96 -15.90
N LYS C 85 1.66 -5.04 -16.27
CA LYS C 85 0.39 -4.87 -15.56
C LYS C 85 -0.67 -5.77 -16.20
N LEU C 86 -1.37 -6.55 -15.37
CA LEU C 86 -2.35 -7.50 -15.88
C LEU C 86 -3.64 -7.43 -15.07
N CYS C 87 -4.71 -7.98 -15.64
CA CYS C 87 -5.90 -8.31 -14.88
C CYS C 87 -6.62 -9.48 -15.55
N LEU C 88 -7.73 -9.90 -14.96
CA LEU C 88 -8.50 -11.02 -15.47
C LEU C 88 -9.90 -10.56 -15.83
N ARG C 89 -10.50 -11.22 -16.81
CA ARG C 89 -11.85 -10.90 -17.25
C ARG C 89 -12.70 -12.17 -17.18
N LEU C 90 -13.76 -12.11 -16.40
CA LEU C 90 -14.62 -13.26 -16.12
C LEU C 90 -16.02 -12.99 -16.67
N TYR C 91 -16.49 -13.85 -17.55
CA TYR C 91 -17.89 -13.91 -17.91
C TYR C 91 -18.47 -15.09 -17.13
N LEU C 92 -19.32 -14.79 -16.14
CA LEU C 92 -19.95 -15.83 -15.33
C LEU C 92 -21.06 -16.54 -16.07
N ASN C 93 -21.50 -15.96 -17.19
CA ASN C 93 -22.44 -16.54 -18.12
C ASN C 93 -21.76 -16.99 -19.41
N GLY C 94 -20.56 -16.51 -19.69
CA GLY C 94 -19.75 -17.07 -20.75
C GLY C 94 -19.67 -16.16 -21.96
N ASP C 95 -18.71 -16.49 -22.84
CA ASP C 95 -18.43 -15.74 -24.03
C ASP C 95 -18.26 -16.72 -25.19
N GLY C 96 -18.56 -16.26 -26.40
CA GLY C 96 -18.38 -17.07 -27.60
C GLY C 96 -18.75 -18.53 -27.45
N THR C 97 -17.82 -19.43 -27.81
CA THR C 97 -17.98 -20.86 -27.59
C THR C 97 -17.92 -21.08 -26.09
N GLY C 98 -19.08 -21.20 -25.46
CA GLY C 98 -19.10 -21.15 -24.01
C GLY C 98 -20.20 -20.25 -23.50
N LYS C 99 -20.63 -19.31 -24.34
CA LYS C 99 -21.71 -18.39 -23.97
C LYS C 99 -22.93 -19.15 -23.47
N ARG C 100 -23.32 -18.87 -22.22
CA ARG C 100 -24.47 -19.44 -21.51
C ARG C 100 -24.25 -20.90 -21.10
N THR C 101 -23.03 -21.41 -21.21
CA THR C 101 -22.77 -22.81 -20.90
C THR C 101 -21.56 -22.96 -19.98
N HIS C 102 -20.64 -21.98 -20.02
CA HIS C 102 -19.33 -22.12 -19.40
C HIS C 102 -18.91 -20.80 -18.76
N LEU C 103 -18.06 -20.92 -17.74
CA LEU C 103 -17.29 -19.78 -17.30
C LEU C 103 -16.25 -19.42 -18.36
N SER C 104 -16.24 -18.16 -18.79
CA SER C 104 -15.26 -17.72 -19.79
C SER C 104 -14.26 -16.83 -19.08
N LEU C 105 -13.04 -17.32 -18.92
CA LEU C 105 -12.00 -16.66 -18.13
C LEU C 105 -10.83 -16.28 -19.03
N PHE C 106 -10.41 -15.01 -18.96
CA PHE C 106 -9.38 -14.48 -19.85
C PHE C 106 -8.37 -13.68 -19.05
N ILE C 107 -7.18 -13.56 -19.61
CA ILE C 107 -6.20 -12.63 -19.09
C ILE C 107 -6.20 -11.42 -20.01
N VAL C 108 -5.89 -10.26 -19.42
CA VAL C 108 -5.94 -8.95 -20.07
C VAL C 108 -4.61 -8.27 -19.79
N ILE C 109 -3.79 -8.11 -20.82
CA ILE C 109 -2.61 -7.26 -20.73
C ILE C 109 -3.05 -5.81 -20.67
N MET C 110 -2.62 -5.09 -19.63
CA MET C 110 -2.93 -3.67 -19.48
C MET C 110 -1.70 -2.82 -19.71
N ARG C 111 -1.96 -1.57 -20.06
CA ARG C 111 -0.90 -0.59 -20.19
C ARG C 111 -0.25 -0.39 -18.83
N GLY C 112 1.04 -0.73 -18.76
CA GLY C 112 1.81 -0.64 -17.54
C GLY C 112 2.62 0.65 -17.58
N GLU C 113 2.85 1.22 -16.39
CA GLU C 113 3.67 2.40 -16.29
C GLU C 113 5.05 2.23 -16.92
N TYR C 114 5.54 1.00 -17.08
CA TYR C 114 6.92 0.79 -17.47
C TYR C 114 7.06 0.00 -18.76
N ASP C 115 5.99 -0.05 -19.56
CA ASP C 115 5.94 -0.88 -20.77
C ASP C 115 7.11 -0.59 -21.72
N ALA C 116 7.54 0.67 -21.78
CA ALA C 116 8.61 1.02 -22.70
C ALA C 116 9.91 0.36 -22.34
N LEU C 117 10.06 -0.07 -21.10
CA LEU C 117 11.26 -0.74 -20.62
C LEU C 117 11.18 -2.25 -20.71
N LEU C 118 10.04 -2.80 -21.14
CA LEU C 118 9.82 -4.23 -21.08
C LEU C 118 9.88 -4.85 -22.49
N PRO C 119 10.25 -6.12 -22.59
CA PRO C 119 10.28 -6.76 -23.92
C PRO C 119 8.88 -7.02 -24.42
N TRP C 120 8.72 -6.87 -25.73
CA TRP C 120 7.47 -7.22 -26.38
C TRP C 120 7.73 -8.12 -27.60
N PRO C 121 6.88 -9.14 -27.80
CA PRO C 121 5.58 -9.42 -27.17
C PRO C 121 5.69 -10.02 -25.78
N PHE C 122 4.60 -9.95 -25.03
CA PHE C 122 4.50 -10.67 -23.76
C PHE C 122 4.60 -12.18 -24.01
N ARG C 123 5.46 -12.87 -23.26
CA ARG C 123 5.78 -14.25 -23.61
C ARG C 123 5.52 -15.26 -22.49
N ASN C 124 5.06 -14.82 -21.33
CA ASN C 124 4.99 -15.68 -20.16
C ASN C 124 3.81 -16.64 -20.22
N LYS C 125 4.03 -17.86 -19.74
CA LYS C 125 2.95 -18.84 -19.64
C LYS C 125 1.90 -18.37 -18.64
N VAL C 126 0.64 -18.73 -18.91
CA VAL C 126 -0.47 -18.36 -18.03
C VAL C 126 -1.19 -19.64 -17.64
N THR C 127 -1.49 -19.78 -16.35
CA THR C 127 -2.33 -20.88 -15.85
C THR C 127 -3.54 -20.31 -15.12
N PHE C 128 -4.72 -20.83 -15.42
CA PHE C 128 -5.95 -20.52 -14.70
C PHE C 128 -6.37 -21.72 -13.85
N MET C 129 -6.81 -21.43 -12.63
CA MET C 129 -7.24 -22.47 -11.71
C MET C 129 -8.56 -22.02 -11.08
N LEU C 130 -9.58 -22.86 -11.17
CA LEU C 130 -10.75 -22.70 -10.34
C LEU C 130 -10.61 -23.67 -9.17
N LEU C 131 -10.48 -23.09 -7.97
CA LEU C 131 -10.03 -23.82 -6.79
C LEU C 131 -11.19 -24.47 -6.05
N ASP C 132 -11.07 -25.77 -5.82
CA ASP C 132 -11.96 -26.47 -4.91
C ASP C 132 -11.44 -26.22 -3.50
N GLN C 133 -12.28 -25.63 -2.65
CA GLN C 133 -11.91 -25.30 -1.28
C GLN C 133 -11.68 -26.54 -0.39
N ASN C 134 -11.88 -27.75 -0.92
CA ASN C 134 -11.48 -29.00 -0.28
C ASN C 134 -10.14 -29.48 -0.84
N ASN C 135 -9.60 -30.54 -0.21
CA ASN C 135 -8.18 -30.83 -0.28
C ASN C 135 -7.63 -30.82 -1.71
N ARG C 136 -8.33 -31.47 -2.65
CA ARG C 136 -7.68 -31.85 -3.90
C ARG C 136 -8.26 -31.01 -5.09
N GLU C 137 -9.08 -31.62 -5.93
CA GLU C 137 -8.98 -31.36 -7.36
C GLU C 137 -9.35 -29.94 -7.77
N HIS C 138 -8.40 -29.25 -8.43
CA HIS C 138 -8.61 -27.92 -8.96
C HIS C 138 -8.84 -28.05 -10.46
N ALA C 139 -9.65 -27.15 -11.01
CA ALA C 139 -9.82 -27.12 -12.46
C ALA C 139 -8.69 -26.27 -13.05
N ILE C 140 -7.71 -26.93 -13.66
CA ILE C 140 -6.51 -26.26 -14.15
C ILE C 140 -6.55 -26.23 -15.66
N ASP C 141 -6.22 -25.08 -16.23
CA ASP C 141 -6.00 -24.94 -17.66
C ASP C 141 -4.84 -23.97 -17.84
N ALA C 142 -4.21 -24.00 -19.00
CA ALA C 142 -3.05 -23.15 -19.21
C ALA C 142 -2.80 -22.97 -20.70
N PHE C 143 -2.01 -21.95 -21.00
CA PHE C 143 -1.56 -21.73 -22.36
C PHE C 143 -0.32 -20.87 -22.34
N ARG C 144 0.46 -21.01 -23.41
CA ARG C 144 1.56 -20.10 -23.65
C ARG C 144 1.15 -19.16 -24.78
N PRO C 145 1.23 -17.84 -24.58
CA PRO C 145 0.84 -16.90 -25.65
C PRO C 145 1.61 -17.15 -26.93
N ASP C 146 1.00 -16.82 -28.06
CA ASP C 146 1.67 -16.86 -29.34
C ASP C 146 2.22 -15.47 -29.68
N LEU C 147 3.37 -15.47 -30.36
CA LEU C 147 4.05 -14.25 -30.80
C LEU C 147 3.07 -13.24 -31.36
N SER C 148 2.22 -13.68 -32.25
CA SER C 148 1.63 -12.76 -33.21
C SER C 148 0.28 -12.21 -32.82
N SER C 149 -0.36 -12.70 -31.76
CA SER C 149 -1.71 -12.26 -31.47
C SER C 149 -1.68 -10.91 -30.78
N ALA C 150 -2.69 -10.09 -31.09
CA ALA C 150 -2.74 -8.71 -30.62
C ALA C 150 -2.84 -8.61 -29.10
N SER C 151 -3.22 -9.70 -28.44
CA SER C 151 -3.36 -9.69 -27.00
C SER C 151 -2.03 -9.49 -26.29
N PHE C 152 -0.90 -9.73 -26.96
CA PHE C 152 0.36 -9.85 -26.24
C PHE C 152 1.42 -8.88 -26.69
N GLN C 153 1.05 -7.82 -27.39
CA GLN C 153 2.01 -6.82 -27.76
C GLN C 153 1.80 -5.60 -26.85
N ARG C 154 2.65 -4.60 -26.99
CA ARG C 154 2.62 -3.49 -26.04
C ARG C 154 1.28 -2.76 -26.15
N PRO C 155 0.58 -2.57 -25.04
CA PRO C 155 -0.67 -1.78 -25.08
C PRO C 155 -0.42 -0.39 -25.67
N GLN C 156 -1.24 -0.04 -26.65
CA GLN C 156 -1.39 1.34 -27.12
C GLN C 156 -2.77 1.89 -26.80
N SER C 157 -3.45 1.27 -25.84
CA SER C 157 -4.62 1.82 -25.19
C SER C 157 -4.59 1.26 -23.77
N GLU C 158 -5.65 1.50 -23.00
CA GLU C 158 -5.56 1.13 -21.59
C GLU C 158 -5.55 -0.38 -21.40
N THR C 159 -6.25 -1.15 -22.27
CA THR C 159 -6.20 -2.60 -22.16
C THR C 159 -6.12 -3.24 -23.53
N ASN C 160 -5.32 -4.30 -23.64
CA ASN C 160 -5.37 -5.10 -24.85
C ASN C 160 -6.62 -5.96 -24.88
N VAL C 161 -6.90 -6.52 -26.06
CA VAL C 161 -8.02 -7.44 -26.20
C VAL C 161 -7.71 -8.73 -25.42
N ALA C 162 -8.71 -9.25 -24.74
CA ALA C 162 -8.48 -10.32 -23.76
C ALA C 162 -8.20 -11.64 -24.46
N SER C 163 -7.45 -12.50 -23.78
CA SER C 163 -7.06 -13.78 -24.34
C SER C 163 -7.14 -14.88 -23.28
N GLY C 164 -7.68 -16.03 -23.66
CA GLY C 164 -7.68 -17.11 -22.69
C GLY C 164 -8.52 -18.34 -22.98
N CYS C 165 -9.47 -18.60 -22.09
CA CYS C 165 -10.12 -19.90 -21.97
C CYS C 165 -11.63 -19.77 -21.96
N PRO C 166 -12.25 -19.57 -23.11
CA PRO C 166 -13.67 -19.90 -23.19
C PRO C 166 -13.80 -21.38 -22.90
N LEU C 167 -14.97 -21.79 -22.42
CA LEU C 167 -15.16 -23.17 -21.97
C LEU C 167 -14.18 -23.56 -20.86
N PHE C 168 -13.79 -22.63 -20.00
CA PHE C 168 -12.84 -22.98 -18.96
C PHE C 168 -13.47 -23.85 -17.89
N PHE C 169 -14.79 -23.76 -17.67
CA PHE C 169 -15.47 -24.67 -16.72
C PHE C 169 -16.98 -24.72 -16.98
N PRO C 170 -17.63 -25.88 -16.84
CA PRO C 170 -19.08 -25.99 -17.13
C PRO C 170 -19.94 -25.24 -16.11
N LEU C 171 -20.86 -24.39 -16.61
CA LEU C 171 -21.83 -23.74 -15.73
C LEU C 171 -22.62 -24.75 -14.90
N SER C 172 -22.89 -25.93 -15.47
CA SER C 172 -23.65 -26.95 -14.74
C SER C 172 -22.87 -27.43 -13.52
N LYS C 173 -21.65 -27.93 -13.74
CA LYS C 173 -20.86 -28.53 -12.67
C LYS C 173 -20.42 -27.52 -11.61
N LEU C 174 -20.65 -26.23 -11.82
CA LEU C 174 -20.10 -25.21 -10.92
C LEU C 174 -20.63 -25.39 -9.50
N GLN C 175 -21.93 -25.55 -9.35
CA GLN C 175 -22.51 -25.71 -8.02
C GLN C 175 -22.93 -27.15 -7.73
N SER C 176 -22.22 -28.12 -8.29
CA SER C 176 -22.53 -29.52 -7.99
C SER C 176 -22.14 -29.81 -6.54
N PRO C 177 -23.01 -30.49 -5.77
CA PRO C 177 -22.69 -30.77 -4.35
C PRO C 177 -21.39 -31.55 -4.13
N LYS C 178 -20.73 -31.98 -5.21
CA LYS C 178 -19.60 -32.88 -5.12
C LYS C 178 -18.25 -32.17 -5.07
N HIS C 179 -18.18 -30.90 -5.44
CA HIS C 179 -16.96 -30.12 -5.32
C HIS C 179 -17.28 -28.73 -4.81
N ALA C 180 -16.33 -28.15 -4.09
CA ALA C 180 -16.52 -26.84 -3.47
C ALA C 180 -15.85 -25.72 -4.28
N TYR C 181 -16.15 -25.64 -5.59
CA TYR C 181 -15.74 -24.46 -6.34
C TYR C 181 -16.53 -23.25 -5.89
N VAL C 182 -17.76 -23.46 -5.46
CA VAL C 182 -18.59 -22.44 -4.81
C VAL C 182 -18.93 -22.94 -3.41
N LYS C 183 -18.77 -22.06 -2.44
CA LYS C 183 -19.07 -22.37 -1.04
C LYS C 183 -19.23 -21.04 -0.32
N ASP C 184 -20.24 -20.97 0.55
CA ASP C 184 -20.69 -19.71 1.13
C ASP C 184 -20.94 -18.67 0.04
N ASP C 185 -21.48 -19.12 -1.10
CA ASP C 185 -21.80 -18.25 -2.22
C ASP C 185 -20.55 -17.49 -2.68
N THR C 186 -19.41 -18.18 -2.68
CA THR C 186 -18.11 -17.58 -2.94
C THR C 186 -17.19 -18.56 -3.67
N MET C 187 -16.55 -18.08 -4.73
CA MET C 187 -15.63 -18.87 -5.53
C MET C 187 -14.27 -18.18 -5.63
N PHE C 188 -13.23 -18.97 -5.78
CA PHE C 188 -11.85 -18.49 -5.82
C PHE C 188 -11.19 -18.93 -7.13
N LEU C 189 -10.68 -17.97 -7.90
CA LEU C 189 -9.92 -18.19 -9.12
C LEU C 189 -8.49 -17.74 -8.91
N LYS C 190 -7.52 -18.59 -9.26
CA LYS C 190 -6.10 -18.26 -9.15
C LYS C 190 -5.50 -18.17 -10.54
N CYS C 191 -4.70 -17.14 -10.79
CA CYS C 191 -3.95 -17.04 -12.03
C CYS C 191 -2.46 -17.06 -11.72
N ILE C 192 -1.71 -17.92 -12.42
CA ILE C 192 -0.27 -18.05 -12.23
C ILE C 192 0.42 -17.70 -13.55
N VAL C 193 1.08 -16.55 -13.58
CA VAL C 193 1.90 -16.13 -14.71
C VAL C 193 3.34 -16.51 -14.43
N GLU C 194 4.02 -17.16 -15.38
CA GLU C 194 5.38 -17.57 -15.06
C GLU C 194 6.39 -16.43 -15.31
N THR C 195 7.56 -16.58 -14.71
CA THR C 195 8.53 -15.50 -14.58
C THR C 195 9.93 -15.88 -15.09
#